data_9H2D
#
_entry.id   9H2D
#
_cell.length_a   46.967
_cell.length_b   90.507
_cell.length_c   67.423
_cell.angle_alpha   90.00
_cell.angle_beta   97.42
_cell.angle_gamma   90.00
#
_symmetry.space_group_name_H-M   'P 1 21 1'
#
loop_
_entity.id
_entity.type
_entity.pdbx_description
1 polymer 'Intraflagellar transport protein 172 homolog'
2 non-polymer '4-(2-HYDROXYETHYL)-1-PIPERAZINE ETHANESULFONIC ACID'
3 non-polymer 'CHLORIDE ION'
4 water water
#
_entity_poly.entity_id   1
_entity_poly.type   'polypeptide(L)'
_entity_poly.pdbx_seq_one_letter_code
;APANPQNFNIYKRIFTDMVSSPGTNCAEAYHSWADLRDVLFNLCENLVKSSEANSPAHEEFKTMLLIAHYYATRSAAQSV
KQLETVAARLSVSLLRHTQLLPVDKAFYEAGIAAKAVGWDNMAFIFLNRFLDLTDAIEEGTLDGLDHSDFQDTDIPFEVP
LPAKQHVPEAEREEVRDWVLTVSMDQRLEQVLPRDERGAYEASLVAASTGVRALPCLITGYPILRNKIEFKRPGKAANKD
NWNKFLMAIKTSHSPVCQDVLKFISQWCGGLP
;
_entity_poly.pdbx_strand_id   A,B
#
# COMPACT_ATOMS: atom_id res chain seq x y z
N ALA A 1 -16.73 -39.16 -9.16
CA ALA A 1 -16.72 -38.00 -8.26
C ALA A 1 -16.44 -38.41 -6.82
N PRO A 2 -15.19 -38.20 -6.35
CA PRO A 2 -14.84 -38.54 -4.96
C PRO A 2 -14.76 -37.32 -4.05
N ALA A 3 -14.91 -37.54 -2.74
CA ALA A 3 -14.85 -36.45 -1.79
C ALA A 3 -13.40 -36.09 -1.48
N ASN A 4 -13.20 -34.82 -1.14
CA ASN A 4 -11.90 -34.29 -0.75
C ASN A 4 -12.01 -33.79 0.68
N PRO A 5 -12.07 -34.69 1.67
CA PRO A 5 -12.38 -34.25 3.04
C PRO A 5 -11.41 -33.22 3.60
N GLN A 6 -10.15 -33.19 3.17
CA GLN A 6 -9.20 -32.19 3.67
C GLN A 6 -9.08 -30.95 2.78
N ASN A 7 -9.76 -30.92 1.63
CA ASN A 7 -9.87 -29.76 0.74
C ASN A 7 -8.58 -29.44 0.02
N PHE A 8 -7.70 -30.44 -0.18
CA PHE A 8 -6.46 -30.24 -0.92
C PHE A 8 -6.71 -29.55 -2.26
N ASN A 9 -7.70 -30.01 -3.02
CA ASN A 9 -7.95 -29.46 -4.35
C ASN A 9 -8.33 -27.98 -4.26
N ILE A 10 -9.19 -27.64 -3.31
CA ILE A 10 -9.66 -26.26 -3.18
C ILE A 10 -8.48 -25.33 -2.90
N TYR A 11 -7.66 -25.69 -1.91
CA TYR A 11 -6.59 -24.79 -1.51
C TYR A 11 -5.52 -24.70 -2.57
N LYS A 12 -5.19 -25.82 -3.22
CA LYS A 12 -4.24 -25.76 -4.33
C LYS A 12 -4.75 -24.83 -5.42
N ARG A 13 -6.06 -24.92 -5.72
N ARG A 13 -6.05 -24.93 -5.74
CA ARG A 13 -6.66 -24.10 -6.76
CA ARG A 13 -6.57 -24.13 -6.84
C ARG A 13 -6.57 -22.62 -6.41
C ARG A 13 -6.55 -22.64 -6.51
N ILE A 14 -6.92 -22.25 -5.18
N ILE A 14 -6.88 -22.27 -5.27
CA ILE A 14 -6.91 -20.84 -4.84
CA ILE A 14 -6.90 -20.86 -4.95
C ILE A 14 -5.49 -20.29 -4.84
C ILE A 14 -5.48 -20.30 -4.88
N PHE A 15 -4.52 -21.09 -4.39
CA PHE A 15 -3.11 -20.69 -4.53
C PHE A 15 -2.78 -20.39 -5.99
N THR A 16 -3.05 -21.36 -6.87
CA THR A 16 -2.73 -21.22 -8.30
C THR A 16 -3.39 -19.97 -8.88
N ASP A 17 -4.68 -19.81 -8.66
CA ASP A 17 -5.38 -18.64 -9.16
C ASP A 17 -4.76 -17.35 -8.63
N MET A 18 -4.44 -17.33 -7.33
CA MET A 18 -3.95 -16.11 -6.73
C MET A 18 -2.61 -15.70 -7.32
N VAL A 19 -1.71 -16.65 -7.53
CA VAL A 19 -0.38 -16.27 -8.02
C VAL A 19 -0.35 -16.01 -9.51
N SER A 20 -1.40 -16.39 -10.23
CA SER A 20 -1.54 -16.00 -11.63
C SER A 20 -2.48 -14.81 -11.81
N SER A 21 -2.98 -14.22 -10.72
CA SER A 21 -3.92 -13.12 -10.85
C SER A 21 -3.18 -11.81 -11.10
N PRO A 22 -3.81 -10.85 -11.78
CA PRO A 22 -3.14 -9.57 -12.06
C PRO A 22 -3.20 -8.61 -10.89
N GLY A 23 -2.32 -7.61 -10.96
CA GLY A 23 -2.35 -6.51 -10.01
C GLY A 23 -1.90 -6.89 -8.62
N THR A 24 -1.00 -7.86 -8.50
CA THR A 24 -0.60 -8.38 -7.21
C THR A 24 0.80 -7.94 -6.79
N ASN A 25 1.52 -7.20 -7.65
CA ASN A 25 2.87 -6.72 -7.34
C ASN A 25 2.85 -5.28 -6.83
N CYS A 26 2.11 -5.04 -5.74
CA CYS A 26 2.08 -3.69 -5.14
C CYS A 26 1.76 -3.86 -3.66
N ALA A 27 2.05 -2.81 -2.88
CA ALA A 27 1.74 -2.81 -1.44
C ALA A 27 0.26 -3.06 -1.20
N GLU A 28 -0.59 -2.49 -2.05
CA GLU A 28 -2.04 -2.55 -1.86
C GLU A 28 -2.56 -3.99 -1.93
N ALA A 29 -1.77 -4.92 -2.45
CA ALA A 29 -2.20 -6.31 -2.51
C ALA A 29 -1.96 -7.06 -1.22
N TYR A 30 -1.40 -6.41 -0.19
CA TYR A 30 -0.92 -7.12 1.00
C TYR A 30 -1.98 -8.07 1.56
N HIS A 31 -3.20 -7.57 1.77
CA HIS A 31 -4.21 -8.34 2.48
C HIS A 31 -4.67 -9.55 1.68
N SER A 32 -4.54 -9.51 0.35
CA SER A 32 -4.91 -10.69 -0.42
C SER A 32 -3.84 -11.76 -0.27
N TRP A 33 -2.58 -11.35 -0.24
CA TRP A 33 -1.51 -12.31 -0.01
C TRP A 33 -1.55 -12.84 1.42
N ALA A 34 -1.69 -11.93 2.39
CA ALA A 34 -1.74 -12.33 3.79
C ALA A 34 -2.87 -13.34 4.01
N ASP A 35 -4.07 -13.05 3.47
CA ASP A 35 -5.19 -13.98 3.50
C ASP A 35 -4.80 -15.34 2.96
N LEU A 36 -4.24 -15.40 1.75
CA LEU A 36 -3.82 -16.69 1.23
C LEU A 36 -2.85 -17.33 2.22
N ARG A 37 -1.85 -16.56 2.67
CA ARG A 37 -0.91 -17.05 3.66
C ARG A 37 -1.64 -17.66 4.84
N ASP A 38 -2.62 -16.93 5.36
CA ASP A 38 -3.27 -17.35 6.58
C ASP A 38 -4.04 -18.66 6.36
N VAL A 39 -4.79 -18.78 5.25
CA VAL A 39 -5.55 -20.00 5.08
C VAL A 39 -4.60 -21.17 4.90
N LEU A 40 -3.47 -20.94 4.21
CA LEU A 40 -2.55 -22.05 4.04
C LEU A 40 -1.95 -22.44 5.39
N PHE A 41 -1.67 -21.45 6.24
CA PHE A 41 -1.14 -21.77 7.57
C PHE A 41 -2.16 -22.60 8.32
N ASN A 42 -3.42 -22.19 8.27
CA ASN A 42 -4.43 -22.93 9.00
C ASN A 42 -4.52 -24.36 8.46
N LEU A 43 -4.40 -24.51 7.13
CA LEU A 43 -4.45 -25.83 6.53
C LEU A 43 -3.30 -26.68 7.04
N CYS A 44 -2.11 -26.09 7.11
CA CYS A 44 -0.97 -26.91 7.53
C CYS A 44 -1.11 -27.24 9.00
N GLU A 45 -1.80 -26.36 9.73
CA GLU A 45 -2.07 -26.58 11.14
C GLU A 45 -2.99 -27.78 11.32
N ASN A 46 -3.83 -28.06 10.32
CA ASN A 46 -4.71 -29.19 10.46
C ASN A 46 -4.07 -30.46 9.93
N LEU A 47 -3.16 -30.35 8.96
CA LEU A 47 -2.54 -31.56 8.43
C LEU A 47 -1.74 -32.28 9.49
N VAL A 48 -0.93 -31.54 10.25
CA VAL A 48 -0.12 -32.15 11.30
C VAL A 48 -1.01 -32.80 12.34
N LYS A 49 -2.17 -32.18 12.64
CA LYS A 49 -3.07 -32.79 13.61
C LYS A 49 -3.67 -34.07 13.03
N SER A 50 -4.09 -34.02 11.77
CA SER A 50 -4.83 -35.13 11.19
C SER A 50 -3.95 -36.32 10.89
N SER A 51 -2.64 -36.17 11.05
CA SER A 51 -1.63 -37.21 10.89
C SER A 51 -1.41 -37.59 9.43
N GLU A 52 -2.03 -36.88 8.48
CA GLU A 52 -1.57 -37.00 7.10
C GLU A 52 -0.37 -36.11 6.82
N ALA A 53 0.29 -35.63 7.88
CA ALA A 53 1.48 -34.83 7.74
C ALA A 53 2.59 -35.61 7.03
N ASN A 54 3.40 -34.87 6.28
CA ASN A 54 4.64 -35.29 5.61
C ASN A 54 4.39 -36.15 4.38
N SER A 55 3.13 -36.40 4.02
CA SER A 55 2.82 -36.81 2.66
C SER A 55 3.20 -35.69 1.71
N PRO A 56 3.52 -36.01 0.45
CA PRO A 56 3.91 -34.97 -0.50
C PRO A 56 2.90 -33.84 -0.62
N ALA A 57 1.62 -34.07 -0.29
CA ALA A 57 0.66 -32.99 -0.31
C ALA A 57 0.87 -32.04 0.88
N HIS A 58 1.14 -32.58 2.08
CA HIS A 58 1.54 -31.72 3.19
C HIS A 58 2.76 -30.89 2.83
N GLU A 59 3.79 -31.52 2.27
CA GLU A 59 5.02 -30.79 2.00
C GLU A 59 4.83 -29.77 0.89
N GLU A 60 4.02 -30.10 -0.12
CA GLU A 60 3.77 -29.10 -1.15
C GLU A 60 2.92 -27.96 -0.60
N PHE A 61 2.02 -28.24 0.34
CA PHE A 61 1.29 -27.13 0.93
C PHE A 61 2.18 -26.27 1.83
N LYS A 62 3.17 -26.88 2.48
CA LYS A 62 4.15 -26.10 3.23
C LYS A 62 4.91 -25.18 2.27
N THR A 63 5.30 -25.71 1.10
CA THR A 63 5.96 -24.86 0.11
C THR A 63 5.05 -23.73 -0.35
N MET A 64 3.78 -24.05 -0.61
CA MET A 64 2.85 -23.00 -1.00
C MET A 64 2.70 -21.95 0.09
N LEU A 65 2.69 -22.39 1.37
CA LEU A 65 2.67 -21.46 2.49
C LEU A 65 3.89 -20.57 2.47
N LEU A 66 5.06 -21.16 2.26
CA LEU A 66 6.28 -20.37 2.23
C LEU A 66 6.22 -19.33 1.13
N ILE A 67 5.71 -19.74 -0.05
CA ILE A 67 5.60 -18.82 -1.18
C ILE A 67 4.64 -17.68 -0.87
N ALA A 68 3.47 -18.00 -0.30
CA ALA A 68 2.51 -16.95 0.06
C ALA A 68 3.12 -16.01 1.10
N HIS A 69 3.94 -16.54 2.00
CA HIS A 69 4.61 -15.67 2.98
C HIS A 69 5.59 -14.73 2.28
N TYR A 70 6.37 -15.24 1.33
CA TYR A 70 7.26 -14.36 0.55
C TYR A 70 6.47 -13.25 -0.14
N TYR A 71 5.37 -13.60 -0.81
CA TYR A 71 4.58 -12.57 -1.47
C TYR A 71 3.99 -11.55 -0.49
N ALA A 72 3.45 -12.02 0.64
CA ALA A 72 2.87 -11.07 1.60
C ALA A 72 3.93 -10.15 2.19
N THR A 73 5.09 -10.73 2.53
CA THR A 73 6.17 -9.93 3.06
C THR A 73 6.66 -8.96 2.01
N ARG A 74 6.58 -9.35 0.73
CA ARG A 74 6.96 -8.44 -0.34
C ARG A 74 6.02 -7.24 -0.39
N SER A 75 4.71 -7.47 -0.33
CA SER A 75 3.80 -6.32 -0.34
C SER A 75 4.05 -5.42 0.87
N ALA A 76 4.25 -6.01 2.06
CA ALA A 76 4.60 -5.21 3.22
C ALA A 76 5.84 -4.35 2.95
N ALA A 77 6.90 -4.97 2.45
CA ALA A 77 8.13 -4.24 2.18
C ALA A 77 7.91 -3.12 1.15
N GLN A 78 7.06 -3.36 0.15
CA GLN A 78 6.72 -2.33 -0.82
C GLN A 78 5.96 -1.18 -0.17
N SER A 79 5.47 -1.35 1.07
CA SER A 79 4.75 -0.24 1.67
C SER A 79 5.65 0.89 2.19
N VAL A 80 6.94 0.66 2.50
CA VAL A 80 7.82 1.73 2.98
C VAL A 80 9.12 1.78 2.18
N LYS A 81 9.57 3.00 1.89
CA LYS A 81 10.71 3.20 0.99
C LYS A 81 11.93 2.43 1.47
N GLN A 82 12.18 2.42 2.77
N GLN A 82 12.18 2.41 2.78
CA GLN A 82 13.41 1.84 3.31
CA GLN A 82 13.41 1.83 3.30
C GLN A 82 13.47 0.32 3.22
C GLN A 82 13.49 0.31 3.16
N LEU A 83 12.40 -0.37 2.77
CA LEU A 83 12.44 -1.81 2.53
C LEU A 83 12.47 -2.18 1.02
N GLU A 84 12.60 -1.18 0.14
N GLU A 84 12.70 -1.22 0.13
CA GLU A 84 12.64 -1.43 -1.30
CA GLU A 84 12.72 -1.51 -1.30
C GLU A 84 13.51 -2.66 -1.64
C GLU A 84 13.62 -2.71 -1.64
N THR A 85 14.74 -2.67 -1.13
N THR A 85 14.86 -2.71 -1.13
CA THR A 85 15.66 -3.75 -1.45
CA THR A 85 15.75 -3.83 -1.44
C THR A 85 15.13 -5.11 -0.97
C THR A 85 15.17 -5.15 -0.95
N VAL A 86 14.54 -5.14 0.23
CA VAL A 86 13.91 -6.36 0.72
C VAL A 86 12.87 -6.84 -0.30
N ALA A 87 11.99 -5.93 -0.73
CA ALA A 87 10.99 -6.34 -1.70
C ALA A 87 11.68 -6.88 -2.96
N ALA A 88 12.76 -6.23 -3.38
CA ALA A 88 13.40 -6.68 -4.60
C ALA A 88 13.97 -8.07 -4.39
N ARG A 89 14.59 -8.32 -3.24
N ARG A 89 14.61 -8.30 -3.23
CA ARG A 89 15.19 -9.62 -3.07
CA ARG A 89 15.20 -9.60 -2.97
C ARG A 89 14.12 -10.69 -3.00
C ARG A 89 14.12 -10.67 -2.99
N LEU A 90 12.94 -10.35 -2.45
CA LEU A 90 11.88 -11.34 -2.43
C LEU A 90 11.48 -11.73 -3.85
N SER A 91 11.40 -10.76 -4.78
CA SER A 91 11.00 -11.29 -6.10
C SER A 91 12.14 -12.05 -6.75
N VAL A 92 13.39 -11.74 -6.42
CA VAL A 92 14.47 -12.56 -6.95
C VAL A 92 14.35 -13.97 -6.39
N SER A 93 14.10 -14.10 -5.07
CA SER A 93 14.12 -15.46 -4.54
C SER A 93 12.92 -16.24 -5.03
N LEU A 94 11.84 -15.54 -5.41
CA LEU A 94 10.69 -16.29 -5.86
C LEU A 94 10.98 -17.01 -7.17
N LEU A 95 12.07 -16.63 -7.87
CA LEU A 95 12.40 -17.32 -9.11
C LEU A 95 12.69 -18.79 -8.87
N ARG A 96 13.12 -19.17 -7.65
CA ARG A 96 13.37 -20.60 -7.43
C ARG A 96 12.07 -21.40 -7.30
N HIS A 97 10.93 -20.74 -7.13
CA HIS A 97 9.67 -21.43 -6.97
C HIS A 97 8.82 -21.39 -8.22
N THR A 98 9.41 -21.09 -9.39
CA THR A 98 8.66 -20.99 -10.64
C THR A 98 8.15 -22.32 -11.18
N GLN A 99 8.47 -23.46 -10.57
CA GLN A 99 7.68 -24.64 -10.90
C GLN A 99 6.26 -24.53 -10.39
N LEU A 100 5.96 -23.53 -9.56
CA LEU A 100 4.62 -23.33 -9.01
C LEU A 100 4.01 -21.96 -9.29
N LEU A 101 4.68 -21.10 -10.07
CA LEU A 101 4.28 -19.74 -10.40
C LEU A 101 4.32 -19.53 -11.91
N PRO A 102 3.45 -18.66 -12.45
CA PRO A 102 3.55 -18.32 -13.88
C PRO A 102 4.91 -17.71 -14.12
N VAL A 103 5.73 -18.40 -14.91
CA VAL A 103 7.15 -18.11 -14.89
C VAL A 103 7.47 -16.80 -15.60
N ASP A 104 6.62 -16.40 -16.55
CA ASP A 104 6.82 -15.11 -17.19
C ASP A 104 6.59 -13.98 -16.20
N LYS A 105 5.50 -14.06 -15.45
CA LYS A 105 5.27 -13.09 -14.37
C LYS A 105 6.45 -13.03 -13.42
N ALA A 106 6.96 -14.19 -13.01
CA ALA A 106 7.99 -14.22 -11.98
C ALA A 106 9.24 -13.52 -12.44
N PHE A 107 9.65 -13.76 -13.69
CA PHE A 107 10.86 -13.10 -14.19
C PHE A 107 10.61 -11.63 -14.48
N TYR A 108 9.43 -11.29 -15.00
CA TYR A 108 9.12 -9.88 -15.19
C TYR A 108 9.28 -9.11 -13.89
N GLU A 109 8.69 -9.65 -12.83
CA GLU A 109 8.69 -8.96 -11.55
C GLU A 109 10.07 -8.88 -10.96
N ALA A 110 10.83 -9.99 -11.01
CA ALA A 110 12.22 -9.93 -10.56
C ALA A 110 13.02 -8.87 -11.32
N GLY A 111 12.85 -8.82 -12.64
CA GLY A 111 13.64 -7.89 -13.44
C GLY A 111 13.27 -6.44 -13.19
N ILE A 112 11.98 -6.14 -13.11
CA ILE A 112 11.54 -4.78 -12.82
C ILE A 112 12.01 -4.33 -11.43
N ALA A 113 11.87 -5.19 -10.42
CA ALA A 113 12.31 -4.80 -9.08
C ALA A 113 13.82 -4.55 -9.05
N ALA A 114 14.58 -5.47 -9.66
CA ALA A 114 16.02 -5.30 -9.76
C ALA A 114 16.38 -3.98 -10.42
N LYS A 115 15.72 -3.68 -11.55
CA LYS A 115 16.03 -2.43 -12.27
C LYS A 115 15.74 -1.22 -11.40
N ALA A 116 14.62 -1.23 -10.69
CA ALA A 116 14.24 -0.08 -9.88
C ALA A 116 15.16 0.13 -8.69
N VAL A 117 15.85 -0.90 -8.19
CA VAL A 117 16.87 -0.64 -7.16
C VAL A 117 18.25 -0.54 -7.75
N GLY A 118 18.37 -0.43 -9.09
CA GLY A 118 19.66 -0.25 -9.72
C GLY A 118 20.50 -1.50 -9.90
N TRP A 119 19.88 -2.69 -9.83
CA TRP A 119 20.60 -3.94 -10.09
C TRP A 119 20.46 -4.30 -11.57
N ASP A 120 21.28 -3.65 -12.39
CA ASP A 120 21.00 -3.63 -13.82
C ASP A 120 21.44 -4.91 -14.52
N ASN A 121 22.51 -5.58 -14.07
CA ASN A 121 22.85 -6.89 -14.62
C ASN A 121 21.73 -7.89 -14.41
N MET A 122 21.28 -8.02 -13.16
CA MET A 122 20.15 -8.89 -12.87
C MET A 122 18.92 -8.46 -13.65
N ALA A 123 18.65 -7.15 -13.70
CA ALA A 123 17.50 -6.67 -14.46
C ALA A 123 17.58 -7.12 -15.91
N PHE A 124 18.75 -6.97 -16.52
CA PHE A 124 18.93 -7.36 -17.91
C PHE A 124 18.72 -8.85 -18.10
N ILE A 125 19.33 -9.66 -17.25
CA ILE A 125 19.23 -11.11 -17.40
C ILE A 125 17.78 -11.58 -17.20
N PHE A 126 17.15 -11.09 -16.13
CA PHE A 126 15.79 -11.52 -15.83
C PHE A 126 14.81 -11.04 -16.89
N LEU A 127 14.96 -9.79 -17.37
CA LEU A 127 14.00 -9.28 -18.34
C LEU A 127 14.22 -9.88 -19.73
N ASN A 128 15.46 -10.22 -20.08
CA ASN A 128 15.71 -10.96 -21.31
C ASN A 128 15.05 -12.33 -21.26
N ARG A 129 15.25 -13.03 -20.13
CA ARG A 129 14.57 -14.31 -19.95
C ARG A 129 13.05 -14.15 -20.05
N PHE A 130 12.52 -13.09 -19.45
CA PHE A 130 11.09 -12.81 -19.55
C PHE A 130 10.64 -12.67 -21.00
N LEU A 131 11.38 -11.89 -21.80
CA LEU A 131 11.02 -11.75 -23.22
C LEU A 131 11.00 -13.09 -23.91
N ASP A 132 12.02 -13.90 -23.66
CA ASP A 132 12.08 -15.23 -24.24
C ASP A 132 10.87 -16.05 -23.82
N LEU A 133 10.44 -15.88 -22.57
CA LEU A 133 9.31 -16.68 -22.12
C LEU A 133 7.99 -16.19 -22.74
N THR A 134 7.85 -14.89 -22.99
CA THR A 134 6.64 -14.44 -23.69
C THR A 134 6.61 -15.00 -25.11
N ASP A 135 7.76 -14.99 -25.80
CA ASP A 135 7.77 -15.59 -27.13
C ASP A 135 7.45 -17.08 -27.06
N ALA A 136 7.98 -17.77 -26.06
CA ALA A 136 7.72 -19.20 -25.97
C ALA A 136 6.26 -19.48 -25.64
N ILE A 137 5.62 -18.62 -24.86
CA ILE A 137 4.18 -18.74 -24.64
C ILE A 137 3.45 -18.61 -25.98
N GLU A 138 3.84 -17.61 -26.78
N GLU A 138 3.84 -17.62 -26.78
CA GLU A 138 3.18 -17.44 -28.08
CA GLU A 138 3.20 -17.43 -28.09
C GLU A 138 3.42 -18.63 -28.99
C GLU A 138 3.42 -18.63 -28.99
N GLU A 139 4.61 -19.22 -28.95
CA GLU A 139 4.96 -20.36 -29.79
C GLU A 139 4.44 -21.69 -29.26
N GLY A 140 4.13 -21.79 -27.96
CA GLY A 140 3.62 -23.03 -27.41
C GLY A 140 4.65 -24.06 -27.03
N THR A 141 5.95 -23.74 -27.11
CA THR A 141 6.98 -24.64 -26.65
C THR A 141 8.05 -23.88 -25.87
N LEU A 142 8.79 -24.64 -25.09
CA LEU A 142 9.88 -24.14 -24.29
C LEU A 142 11.23 -24.53 -24.86
N ASP A 143 11.25 -25.20 -26.02
CA ASP A 143 12.49 -25.72 -26.60
C ASP A 143 13.32 -24.63 -27.27
N GLY A 144 12.81 -23.41 -27.29
CA GLY A 144 13.58 -22.29 -27.78
C GLY A 144 14.50 -21.66 -26.76
N LEU A 145 14.32 -21.98 -25.47
CA LEU A 145 14.99 -21.26 -24.40
C LEU A 145 16.45 -21.65 -24.25
N ASP A 146 17.28 -20.67 -23.91
CA ASP A 146 18.65 -20.91 -23.52
C ASP A 146 18.74 -20.79 -22.01
N HIS A 147 19.23 -21.84 -21.37
CA HIS A 147 19.32 -21.88 -19.92
C HIS A 147 20.74 -21.64 -19.44
N SER A 148 21.64 -21.18 -20.33
CA SER A 148 23.03 -20.95 -19.97
C SER A 148 23.16 -19.92 -18.85
N ASP A 149 22.27 -18.93 -18.83
CA ASP A 149 22.40 -17.85 -17.86
C ASP A 149 22.27 -18.34 -16.43
N PHE A 150 21.55 -19.46 -16.21
CA PHE A 150 21.23 -19.94 -14.87
C PHE A 150 21.76 -21.34 -14.60
N GLN A 151 22.91 -21.71 -15.18
CA GLN A 151 23.24 -23.12 -15.24
C GLN A 151 23.70 -23.71 -13.90
N ASP A 152 24.20 -22.91 -12.97
CA ASP A 152 24.60 -23.46 -11.67
C ASP A 152 23.80 -22.84 -10.53
N THR A 153 22.51 -22.62 -10.78
CA THR A 153 21.59 -21.99 -9.85
C THR A 153 20.50 -22.96 -9.44
N ASP A 154 19.76 -22.61 -8.40
CA ASP A 154 18.55 -23.33 -8.05
C ASP A 154 17.34 -22.83 -8.83
N ILE A 155 17.55 -22.09 -9.91
CA ILE A 155 16.43 -21.68 -10.74
C ILE A 155 16.06 -22.84 -11.65
N PRO A 156 14.85 -23.36 -11.57
CA PRO A 156 14.51 -24.55 -12.36
C PRO A 156 14.35 -24.20 -13.82
N PHE A 157 14.74 -25.17 -14.65
CA PHE A 157 14.67 -25.01 -16.09
C PHE A 157 13.44 -25.68 -16.68
N GLU A 158 13.08 -26.86 -16.21
CA GLU A 158 11.83 -27.50 -16.58
C GLU A 158 10.73 -26.89 -15.73
N VAL A 159 9.91 -26.04 -16.34
CA VAL A 159 8.82 -25.38 -15.65
C VAL A 159 7.58 -25.46 -16.53
N PRO A 160 6.40 -25.38 -15.91
CA PRO A 160 5.16 -25.34 -16.71
C PRO A 160 5.15 -24.11 -17.61
N LEU A 161 4.82 -24.32 -18.87
CA LEU A 161 4.66 -23.23 -19.81
C LEU A 161 3.26 -22.65 -19.70
N PRO A 162 3.09 -21.38 -19.34
CA PRO A 162 1.74 -20.81 -19.23
C PRO A 162 1.03 -20.77 -20.58
N ALA A 163 -0.29 -20.92 -20.53
CA ALA A 163 -1.09 -20.84 -21.76
C ALA A 163 -1.30 -19.41 -22.22
N LYS A 164 -1.29 -18.45 -21.31
CA LYS A 164 -1.55 -17.05 -21.61
C LYS A 164 -0.41 -16.20 -21.08
N GLN A 165 -0.24 -15.02 -21.68
CA GLN A 165 0.80 -14.09 -21.24
C GLN A 165 0.27 -13.31 -20.05
N HIS A 166 1.01 -13.35 -18.94
CA HIS A 166 0.56 -12.63 -17.76
C HIS A 166 0.70 -11.12 -17.89
N VAL A 167 1.73 -10.65 -18.60
CA VAL A 167 2.10 -9.25 -18.62
C VAL A 167 1.47 -8.57 -19.86
N PRO A 168 0.82 -7.43 -19.69
CA PRO A 168 0.18 -6.78 -20.86
C PRO A 168 1.21 -6.32 -21.88
N GLU A 169 0.74 -6.16 -23.13
CA GLU A 169 1.65 -5.93 -24.26
C GLU A 169 2.48 -4.67 -24.09
N ALA A 170 1.88 -3.61 -23.53
CA ALA A 170 2.59 -2.34 -23.39
C ALA A 170 3.81 -2.50 -22.48
N GLU A 171 3.62 -3.16 -21.33
CA GLU A 171 4.74 -3.38 -20.42
C GLU A 171 5.79 -4.30 -21.04
N ARG A 172 5.34 -5.33 -21.77
CA ARG A 172 6.27 -6.17 -22.50
C ARG A 172 7.12 -5.37 -23.47
N GLU A 173 6.50 -4.42 -24.19
CA GLU A 173 7.24 -3.67 -25.20
C GLU A 173 8.17 -2.63 -24.57
N GLU A 174 7.80 -2.07 -23.42
CA GLU A 174 8.76 -1.20 -22.73
C GLU A 174 9.97 -1.98 -22.29
N VAL A 175 9.74 -3.18 -21.73
CA VAL A 175 10.87 -4.02 -21.37
C VAL A 175 11.71 -4.34 -22.61
N ARG A 176 11.03 -4.63 -23.72
CA ARG A 176 11.75 -4.96 -24.94
C ARG A 176 12.62 -3.79 -25.39
N ASP A 177 12.08 -2.56 -25.36
CA ASP A 177 12.87 -1.38 -25.71
C ASP A 177 14.10 -1.29 -24.85
N TRP A 178 13.91 -1.36 -23.53
CA TRP A 178 15.03 -1.16 -22.60
C TRP A 178 16.09 -2.22 -22.81
N VAL A 179 15.68 -3.48 -22.92
CA VAL A 179 16.64 -4.56 -23.09
C VAL A 179 17.43 -4.37 -24.37
N LEU A 180 16.75 -3.95 -25.45
CA LEU A 180 17.43 -3.71 -26.70
C LEU A 180 18.48 -2.60 -26.55
N THR A 181 18.09 -1.47 -25.96
CA THR A 181 19.03 -0.39 -25.74
C THR A 181 20.25 -0.84 -24.94
N VAL A 182 20.01 -1.52 -23.81
CA VAL A 182 21.10 -1.94 -22.94
C VAL A 182 21.99 -2.96 -23.62
N SER A 183 21.40 -3.84 -24.43
CA SER A 183 22.14 -4.83 -25.22
C SER A 183 23.26 -4.23 -26.06
N MET A 184 23.25 -2.91 -26.27
CA MET A 184 24.24 -2.32 -27.17
C MET A 184 25.63 -2.17 -26.55
N ASP A 185 25.74 -2.21 -25.22
CA ASP A 185 27.06 -2.20 -24.58
C ASP A 185 27.74 -3.57 -24.65
N LEU A 188 27.64 -3.29 -20.01
CA LEU A 188 27.37 -4.08 -18.81
C LEU A 188 27.94 -5.49 -18.94
N GLU A 189 28.34 -6.07 -17.79
CA GLU A 189 28.63 -7.48 -17.72
C GLU A 189 27.33 -8.24 -17.45
N GLN A 190 27.02 -9.23 -18.26
CA GLN A 190 25.75 -9.92 -18.11
C GLN A 190 25.95 -11.33 -17.55
N VAL A 191 26.25 -11.36 -16.26
CA VAL A 191 26.34 -12.58 -15.49
C VAL A 191 25.67 -12.32 -14.15
N LEU A 192 25.11 -13.34 -13.56
CA LEU A 192 24.47 -13.11 -12.29
C LEU A 192 25.55 -12.94 -11.21
N PRO A 193 25.30 -12.09 -10.22
CA PRO A 193 26.33 -11.86 -9.20
C PRO A 193 26.54 -13.08 -8.34
N ARG A 194 27.80 -13.33 -7.99
CA ARG A 194 28.18 -14.44 -7.13
C ARG A 194 28.53 -13.95 -5.73
N ASP A 195 28.35 -14.82 -4.75
CA ASP A 195 28.65 -14.49 -3.37
C ASP A 195 29.98 -15.11 -2.97
N GLU A 196 30.28 -15.05 -1.67
CA GLU A 196 31.52 -15.61 -1.17
C GLU A 196 31.62 -17.12 -1.37
N ARG A 197 30.50 -17.80 -1.64
CA ARG A 197 30.56 -19.23 -1.91
C ARG A 197 30.97 -19.54 -3.34
N GLY A 198 31.12 -18.53 -4.18
CA GLY A 198 31.27 -18.81 -5.59
C GLY A 198 30.00 -19.28 -6.24
N ALA A 199 28.86 -19.05 -5.60
CA ALA A 199 27.56 -19.38 -6.13
C ALA A 199 26.77 -18.10 -6.40
N TYR A 200 25.81 -18.20 -7.30
CA TYR A 200 24.84 -17.15 -7.56
C TYR A 200 24.22 -16.69 -6.24
N GLU A 201 24.24 -15.38 -5.99
CA GLU A 201 24.02 -14.87 -4.64
C GLU A 201 22.65 -15.25 -4.10
N ALA A 202 21.67 -15.47 -4.99
CA ALA A 202 20.32 -15.83 -4.60
C ALA A 202 20.11 -17.32 -4.48
N SER A 203 21.14 -18.13 -4.70
CA SER A 203 20.96 -19.56 -4.81
C SER A 203 21.17 -20.23 -3.45
N LEU A 204 20.22 -21.10 -3.09
CA LEU A 204 20.35 -21.84 -1.83
C LEU A 204 21.36 -22.96 -1.97
N VAL A 205 21.52 -23.50 -3.17
CA VAL A 205 22.50 -24.55 -3.41
C VAL A 205 23.81 -23.91 -3.87
N ALA A 206 24.87 -24.14 -3.11
CA ALA A 206 26.19 -23.74 -3.58
C ALA A 206 26.63 -24.81 -4.57
N ALA A 207 26.62 -24.47 -5.85
CA ALA A 207 27.00 -25.44 -6.86
C ALA A 207 28.37 -26.02 -6.56
N SER A 208 29.29 -25.15 -6.13
CA SER A 208 30.64 -25.54 -5.74
C SER A 208 30.62 -26.55 -4.61
N THR A 209 30.30 -26.07 -3.40
CA THR A 209 30.33 -26.94 -2.22
C THR A 209 29.28 -28.04 -2.32
N GLY A 210 28.01 -27.68 -2.33
CA GLY A 210 26.93 -28.63 -2.31
C GLY A 210 26.19 -28.71 -1.00
N VAL A 211 26.23 -27.65 -0.20
CA VAL A 211 25.42 -27.52 1.01
C VAL A 211 24.26 -26.59 0.69
N ARG A 212 23.06 -27.01 1.05
CA ARG A 212 21.86 -26.21 0.85
C ARG A 212 21.76 -25.21 2.00
N ALA A 213 21.86 -23.92 1.68
CA ALA A 213 21.68 -22.90 2.69
C ALA A 213 20.21 -22.70 3.00
N LEU A 214 19.94 -22.27 4.23
CA LEU A 214 18.56 -21.96 4.60
C LEU A 214 18.15 -20.64 3.95
N PRO A 215 16.91 -20.52 3.53
CA PRO A 215 16.46 -19.24 2.97
C PRO A 215 15.99 -18.30 4.07
N CYS A 216 16.44 -17.04 4.03
CA CYS A 216 16.06 -16.07 5.04
C CYS A 216 14.55 -15.80 4.95
N LEU A 217 13.88 -15.76 6.12
CA LEU A 217 12.45 -15.54 6.16
C LEU A 217 12.06 -14.13 5.72
N ILE A 218 13.01 -13.21 5.68
CA ILE A 218 12.76 -11.82 5.33
C ILE A 218 13.03 -11.56 3.85
N THR A 219 14.14 -12.07 3.30
CA THR A 219 14.47 -11.80 1.92
C THR A 219 14.45 -13.03 1.01
N GLY A 220 14.42 -14.24 1.55
CA GLY A 220 14.52 -15.43 0.74
C GLY A 220 15.94 -15.85 0.37
N TYR A 221 16.91 -14.96 0.52
CA TYR A 221 18.29 -15.24 0.13
C TYR A 221 18.90 -16.29 1.04
N PRO A 222 19.94 -16.98 0.58
CA PRO A 222 20.64 -17.92 1.46
C PRO A 222 21.27 -17.21 2.65
N ILE A 223 21.06 -17.77 3.83
CA ILE A 223 21.70 -17.25 5.03
C ILE A 223 23.13 -17.74 5.04
N LEU A 224 24.08 -16.81 4.87
CA LEU A 224 25.50 -17.16 4.83
C LEU A 224 26.22 -16.82 6.11
N ARG A 225 25.70 -15.88 6.88
CA ARG A 225 26.32 -15.44 8.12
C ARG A 225 25.22 -14.85 8.98
N ASN A 226 25.48 -14.76 10.29
CA ASN A 226 24.56 -14.09 11.21
C ASN A 226 23.21 -14.76 11.26
N LYS A 227 23.20 -16.09 11.21
CA LYS A 227 21.94 -16.81 11.24
C LYS A 227 21.31 -16.66 12.62
N ILE A 228 20.01 -16.36 12.64
CA ILE A 228 19.22 -16.43 13.86
C ILE A 228 18.11 -17.44 13.62
N GLU A 229 17.86 -18.28 14.62
CA GLU A 229 17.02 -19.46 14.47
C GLU A 229 15.74 -19.31 15.28
N PHE A 230 14.64 -19.75 14.69
CA PHE A 230 13.35 -19.78 15.36
C PHE A 230 13.10 -21.14 15.99
N LYS A 231 12.08 -21.20 16.85
CA LYS A 231 11.82 -22.45 17.55
C LYS A 231 11.34 -23.54 16.60
N ARG A 232 10.54 -23.20 15.58
CA ARG A 232 10.24 -24.21 14.59
C ARG A 232 11.52 -24.58 13.86
N PRO A 233 11.78 -25.87 13.66
CA PRO A 233 13.00 -26.25 12.95
C PRO A 233 12.92 -25.91 11.47
N GLY A 234 14.08 -25.56 10.91
CA GLY A 234 14.21 -25.13 9.54
C GLY A 234 13.82 -23.69 9.27
N LYS A 235 13.62 -22.87 10.30
CA LYS A 235 13.18 -21.49 10.14
C LYS A 235 14.26 -20.57 10.69
N ALA A 236 14.83 -19.75 9.81
CA ALA A 236 15.90 -18.86 10.21
C ALA A 236 15.81 -17.56 9.41
N ALA A 237 16.50 -16.55 9.93
CA ALA A 237 16.64 -15.31 9.20
C ALA A 237 18.07 -14.82 9.38
N ASN A 238 18.49 -13.99 8.45
CA ASN A 238 19.75 -13.28 8.64
C ASN A 238 19.49 -12.11 9.59
N LYS A 239 20.26 -12.04 10.65
CA LYS A 239 19.98 -11.05 11.69
C LYS A 239 19.93 -9.64 11.12
N ASP A 240 20.71 -9.35 10.06
CA ASP A 240 20.68 -8.01 9.49
C ASP A 240 19.38 -7.72 8.76
N ASN A 241 18.88 -8.69 7.96
CA ASN A 241 17.56 -8.53 7.36
C ASN A 241 16.48 -8.42 8.45
N TRP A 242 16.60 -9.26 9.48
CA TRP A 242 15.63 -9.22 10.56
C TRP A 242 15.57 -7.82 11.15
N ASN A 243 16.74 -7.30 11.53
CA ASN A 243 16.82 -5.98 12.12
C ASN A 243 16.33 -4.91 11.17
N LYS A 244 16.63 -5.03 9.87
CA LYS A 244 16.13 -4.02 8.92
C LYS A 244 14.61 -3.97 8.94
N PHE A 245 13.98 -5.13 8.96
CA PHE A 245 12.51 -5.17 8.98
C PHE A 245 11.97 -4.62 10.29
N LEU A 246 12.57 -5.01 11.41
CA LEU A 246 12.12 -4.50 12.70
C LEU A 246 12.29 -2.99 12.77
N MET A 247 13.39 -2.47 12.22
CA MET A 247 13.62 -1.04 12.21
C MET A 247 12.57 -0.34 11.37
N ALA A 248 12.15 -0.95 10.25
CA ALA A 248 11.14 -0.29 9.45
C ALA A 248 9.83 -0.21 10.22
N ILE A 249 9.54 -1.23 11.04
CA ILE A 249 8.36 -1.15 11.91
C ILE A 249 8.54 -0.04 12.95
N LYS A 250 9.71 -0.01 13.60
CA LYS A 250 9.99 1.00 14.62
C LYS A 250 9.83 2.42 14.08
N THR A 251 10.34 2.68 12.89
CA THR A 251 10.28 4.02 12.33
C THR A 251 8.95 4.33 11.66
N SER A 252 8.23 3.34 11.15
CA SER A 252 7.02 3.65 10.40
C SER A 252 5.72 3.20 11.05
N HIS A 253 5.77 2.25 11.98
CA HIS A 253 4.58 1.65 12.58
C HIS A 253 3.64 1.06 11.51
N SER A 254 4.20 0.65 10.37
CA SER A 254 3.51 -0.09 9.32
C SER A 254 2.62 -1.19 9.86
N PRO A 255 1.30 -1.08 9.77
CA PRO A 255 0.47 -2.23 10.16
C PRO A 255 0.72 -3.47 9.31
N VAL A 256 1.02 -3.34 8.01
CA VAL A 256 1.20 -4.58 7.27
C VAL A 256 2.52 -5.24 7.67
N CYS A 257 3.55 -4.45 7.98
CA CYS A 257 4.77 -5.06 8.51
C CYS A 257 4.56 -5.66 9.89
N GLN A 258 3.76 -5.02 10.75
N GLN A 258 3.75 -5.01 10.73
CA GLN A 258 3.48 -5.62 12.06
CA GLN A 258 3.45 -5.58 12.05
C GLN A 258 2.69 -6.90 11.89
C GLN A 258 2.67 -6.88 11.91
N ASP A 259 1.78 -6.95 10.92
CA ASP A 259 1.09 -8.20 10.65
C ASP A 259 2.05 -9.29 10.21
N VAL A 260 2.98 -8.97 9.32
CA VAL A 260 4.00 -9.95 8.92
C VAL A 260 4.72 -10.49 10.15
N LEU A 261 5.14 -9.57 11.02
CA LEU A 261 5.85 -9.95 12.23
C LEU A 261 5.01 -10.89 13.10
N LYS A 262 3.74 -10.53 13.33
CA LYS A 262 2.80 -11.37 14.04
C LYS A 262 2.75 -12.78 13.45
N PHE A 263 2.63 -12.87 12.12
CA PHE A 263 2.55 -14.18 11.49
C PHE A 263 3.83 -14.98 11.66
N ILE A 264 4.99 -14.37 11.47
CA ILE A 264 6.24 -15.10 11.65
C ILE A 264 6.34 -15.64 13.07
N SER A 265 5.91 -14.84 14.05
CA SER A 265 5.96 -15.31 15.43
C SER A 265 5.01 -16.50 15.64
N GLN A 266 3.77 -16.36 15.21
CA GLN A 266 2.79 -17.45 15.35
C GLN A 266 3.25 -18.72 14.65
N TRP A 267 3.81 -18.59 13.44
CA TRP A 267 4.15 -19.72 12.58
C TRP A 267 5.41 -20.44 13.04
N CYS A 268 6.41 -19.71 13.51
CA CYS A 268 7.69 -20.31 13.88
C CYS A 268 7.87 -20.37 15.39
N GLY A 269 6.84 -20.01 16.16
CA GLY A 269 6.81 -20.32 17.57
C GLY A 269 7.50 -19.29 18.43
N GLY A 270 7.29 -18.02 18.14
CA GLY A 270 7.85 -16.97 18.98
C GLY A 270 9.06 -16.30 18.36
N LEU A 271 9.29 -15.05 18.76
CA LEU A 271 10.41 -14.28 18.25
C LEU A 271 11.73 -14.96 18.62
N PRO A 272 12.76 -14.85 17.76
CA PRO A 272 13.99 -15.65 17.91
C PRO A 272 14.91 -15.14 19.02
N ASN B 7 8.18 30.23 8.62
CA ASN B 7 8.76 31.55 8.48
C ASN B 7 8.77 31.99 7.00
N PHE B 8 7.88 31.35 6.21
CA PHE B 8 7.50 31.62 4.82
C PHE B 8 7.86 30.51 3.84
N ASN B 9 8.58 30.87 2.76
N ASN B 9 8.42 30.95 2.70
CA ASN B 9 8.56 30.06 1.55
CA ASN B 9 8.83 30.20 1.51
C ASN B 9 9.07 28.63 1.76
C ASN B 9 9.09 28.72 1.77
N ILE B 10 10.12 28.44 2.57
CA ILE B 10 10.60 27.07 2.77
C ILE B 10 9.50 26.19 3.37
N TYR B 11 8.86 26.68 4.43
CA TYR B 11 7.84 25.88 5.11
C TYR B 11 6.60 25.71 4.24
N LYS B 12 6.18 26.78 3.55
CA LYS B 12 5.05 26.67 2.64
C LYS B 12 5.34 25.67 1.54
N ARG B 13 6.57 25.67 1.02
CA ARG B 13 6.92 24.75 -0.04
C ARG B 13 6.93 23.32 0.46
N ILE B 14 7.32 23.10 1.72
CA ILE B 14 7.25 21.75 2.26
C ILE B 14 5.81 21.27 2.30
N PHE B 15 4.91 22.15 2.74
CA PHE B 15 3.50 21.81 2.79
C PHE B 15 2.96 21.48 1.41
N THR B 16 3.13 22.40 0.45
CA THR B 16 2.59 22.19 -0.90
C THR B 16 3.15 20.91 -1.50
N ASP B 17 4.46 20.71 -1.37
CA ASP B 17 5.06 19.47 -1.88
C ASP B 17 4.40 18.26 -1.25
N MET B 18 4.21 18.27 0.07
CA MET B 18 3.70 17.09 0.75
C MET B 18 2.28 16.77 0.34
N VAL B 19 1.42 17.79 0.25
CA VAL B 19 0.01 17.58 -0.03
C VAL B 19 -0.25 17.32 -1.50
N SER B 20 0.73 17.58 -2.36
CA SER B 20 0.66 17.15 -3.74
C SER B 20 1.48 15.89 -3.98
N SER B 21 2.07 15.36 -2.99
CA SER B 21 2.95 14.23 -3.24
C SER B 21 2.18 12.90 -3.29
N PRO B 22 2.68 11.94 -4.05
CA PRO B 22 2.03 10.62 -4.12
C PRO B 22 2.34 9.78 -2.90
N GLY B 23 1.54 8.74 -2.72
CA GLY B 23 1.80 7.75 -1.69
C GLY B 23 1.57 8.22 -0.27
N THR B 24 0.69 9.18 -0.06
CA THR B 24 0.45 9.73 1.27
C THR B 24 -0.89 9.33 1.84
N ASN B 25 -1.72 8.64 1.06
CA ASN B 25 -3.04 8.27 1.52
C ASN B 25 -3.02 6.86 2.08
N CYS B 26 -2.17 6.64 3.09
CA CYS B 26 -2.09 5.33 3.73
C CYS B 26 -1.58 5.48 5.15
N ALA B 27 -1.83 4.44 5.96
CA ALA B 27 -1.37 4.43 7.35
C ALA B 27 0.13 4.64 7.45
N GLU B 28 0.90 4.05 6.53
CA GLU B 28 2.36 4.14 6.56
C GLU B 28 2.86 5.55 6.32
N ALA B 29 2.00 6.45 5.84
CA ALA B 29 2.37 7.85 5.67
C ALA B 29 2.25 8.64 6.97
N TYR B 30 1.83 7.99 8.06
CA TYR B 30 1.54 8.76 9.27
C TYR B 30 2.71 9.65 9.65
N HIS B 31 3.91 9.08 9.70
CA HIS B 31 5.06 9.83 10.18
C HIS B 31 5.49 10.90 9.19
N SER B 32 5.11 10.77 7.89
CA SER B 32 5.40 11.88 6.99
C SER B 32 4.51 13.05 7.30
N TRP B 33 3.24 12.79 7.59
CA TRP B 33 2.34 13.88 7.96
C TRP B 33 2.66 14.42 9.36
N ALA B 34 2.90 13.53 10.33
CA ALA B 34 3.20 13.98 11.68
C ALA B 34 4.39 14.94 11.68
N ASP B 35 5.48 14.58 10.98
CA ASP B 35 6.62 15.46 10.85
C ASP B 35 6.19 16.82 10.32
N LEU B 36 5.46 16.84 9.19
CA LEU B 36 4.99 18.12 8.69
C LEU B 36 4.20 18.83 9.77
N ARG B 37 3.26 18.11 10.39
CA ARG B 37 2.48 18.67 11.49
C ARG B 37 3.39 19.28 12.56
N ASP B 38 4.39 18.51 13.01
CA ASP B 38 5.21 19.00 14.09
C ASP B 38 5.99 20.23 13.64
N VAL B 39 6.52 20.21 12.39
CA VAL B 39 7.28 21.37 11.94
C VAL B 39 6.38 22.59 11.91
N LEU B 40 5.15 22.41 11.40
CA LEU B 40 4.26 23.57 11.32
C LEU B 40 3.88 24.03 12.72
N PHE B 41 3.66 23.06 13.63
CA PHE B 41 3.29 23.43 14.99
C PHE B 41 4.38 24.28 15.62
N ASN B 42 5.64 23.81 15.53
CA ASN B 42 6.71 24.58 16.15
C ASN B 42 6.79 25.94 15.50
N LEU B 43 6.60 26.00 14.18
CA LEU B 43 6.66 27.28 13.51
C LEU B 43 5.58 28.20 14.06
N CYS B 44 4.36 27.70 14.19
CA CYS B 44 3.29 28.59 14.60
C CYS B 44 3.43 28.98 16.04
N GLU B 45 4.15 28.18 16.83
CA GLU B 45 4.40 28.56 18.22
C GLU B 45 5.38 29.71 18.31
N ASN B 46 6.25 29.86 17.31
CA ASN B 46 7.28 30.90 17.33
C ASN B 46 6.82 32.20 16.70
N LEU B 47 5.79 32.18 15.87
CA LEU B 47 5.27 33.43 15.31
C LEU B 47 4.76 34.34 16.42
N VAL B 48 3.98 33.78 17.35
CA VAL B 48 3.40 34.51 18.48
C VAL B 48 4.47 35.00 19.49
N SER B 55 -2.95 39.26 11.11
CA SER B 55 -1.79 38.55 10.60
C SER B 55 -2.20 37.52 9.61
N PRO B 56 -2.28 37.88 8.33
CA PRO B 56 -2.75 36.91 7.32
C PRO B 56 -1.81 35.74 7.08
N ALA B 57 -0.48 35.93 7.19
CA ALA B 57 0.44 34.82 6.97
C ALA B 57 0.42 33.87 8.15
N HIS B 58 0.32 34.41 9.37
CA HIS B 58 0.09 33.58 10.54
C HIS B 58 -1.16 32.73 10.35
N GLU B 59 -2.25 33.33 9.84
CA GLU B 59 -3.49 32.57 9.69
C GLU B 59 -3.36 31.48 8.63
N GLU B 60 -2.62 31.75 7.54
CA GLU B 60 -2.43 30.70 6.54
C GLU B 60 -1.53 29.59 7.05
N PHE B 61 -0.53 29.92 7.88
CA PHE B 61 0.29 28.86 8.48
C PHE B 61 -0.50 28.07 9.51
N LYS B 62 -1.40 28.74 10.24
CA LYS B 62 -2.29 28.04 11.17
C LYS B 62 -3.19 27.07 10.41
N THR B 63 -3.76 27.54 9.29
CA THR B 63 -4.61 26.66 8.50
C THR B 63 -3.82 25.47 7.97
N MET B 64 -2.59 25.72 7.50
CA MET B 64 -1.77 24.61 7.04
C MET B 64 -1.53 23.61 8.16
N LEU B 65 -1.30 24.11 9.38
CA LEU B 65 -1.12 23.22 10.52
C LEU B 65 -2.35 22.34 10.72
N LEU B 66 -3.53 22.95 10.68
CA LEU B 66 -4.76 22.19 10.88
C LEU B 66 -4.92 21.09 9.82
N ILE B 67 -4.61 21.44 8.57
CA ILE B 67 -4.68 20.49 7.46
C ILE B 67 -3.71 19.34 7.70
N ALA B 68 -2.51 19.68 8.17
CA ALA B 68 -1.53 18.65 8.44
C ALA B 68 -1.99 17.74 9.57
N HIS B 69 -2.66 18.31 10.57
CA HIS B 69 -3.19 17.50 11.66
C HIS B 69 -4.26 16.54 11.16
N TYR B 70 -5.15 17.04 10.28
CA TYR B 70 -6.16 16.16 9.69
C TYR B 70 -5.52 15.00 8.95
N TYR B 71 -4.53 15.28 8.11
CA TYR B 71 -3.88 14.21 7.34
C TYR B 71 -3.18 13.21 8.26
N ALA B 72 -2.46 13.71 9.28
CA ALA B 72 -1.79 12.79 10.18
C ALA B 72 -2.82 11.94 10.94
N THR B 73 -3.90 12.55 11.39
CA THR B 73 -4.93 11.81 12.08
C THR B 73 -5.61 10.79 11.15
N ARG B 74 -5.75 11.12 9.87
CA ARG B 74 -6.29 10.17 8.91
C ARG B 74 -5.40 8.96 8.78
N SER B 75 -4.09 9.15 8.62
CA SER B 75 -3.23 7.97 8.57
C SER B 75 -3.33 7.16 9.89
N ALA B 76 -3.39 7.85 11.03
CA ALA B 76 -3.60 7.18 12.31
C ALA B 76 -4.86 6.32 12.28
N ALA B 77 -5.96 6.91 11.84
CA ALA B 77 -7.23 6.21 11.74
C ALA B 77 -7.14 5.04 10.76
N GLN B 78 -6.42 5.21 9.66
CA GLN B 78 -6.24 4.14 8.68
C GLN B 78 -5.47 2.96 9.23
N SER B 79 -4.77 3.14 10.36
CA SER B 79 -4.03 2.02 10.90
C SER B 79 -4.86 1.07 11.77
N VAL B 80 -6.09 1.40 12.13
N VAL B 80 -6.10 1.42 12.11
CA VAL B 80 -6.90 0.50 12.95
CA VAL B 80 -6.98 0.65 13.01
C VAL B 80 -8.31 0.44 12.37
C VAL B 80 -8.34 0.47 12.34
N LYS B 81 -8.80 -0.79 12.18
CA LYS B 81 -9.99 -1.03 11.37
C LYS B 81 -11.22 -0.32 11.94
N GLN B 82 -11.32 -0.23 13.26
CA GLN B 82 -12.54 0.39 13.77
C GLN B 82 -12.52 1.91 13.65
N LEU B 83 -11.44 2.51 13.14
CA LEU B 83 -11.40 3.94 12.84
C LEU B 83 -11.57 4.24 11.33
N GLU B 84 -11.93 3.23 10.54
CA GLU B 84 -12.10 3.45 9.10
C GLU B 84 -13.02 4.63 8.79
N THR B 85 -14.17 4.71 9.45
CA THR B 85 -15.06 5.81 9.10
C THR B 85 -14.48 7.14 9.56
N VAL B 86 -13.73 7.17 10.66
CA VAL B 86 -13.04 8.41 11.02
C VAL B 86 -12.16 8.85 9.87
N ALA B 87 -11.36 7.92 9.33
CA ALA B 87 -10.47 8.26 8.22
C ALA B 87 -11.28 8.80 7.07
N ALA B 88 -12.43 8.19 6.80
CA ALA B 88 -13.24 8.61 5.67
C ALA B 88 -13.71 10.03 5.88
N ARG B 89 -14.16 10.34 7.11
CA ARG B 89 -14.66 11.67 7.37
C ARG B 89 -13.55 12.71 7.20
N LEU B 90 -12.31 12.36 7.57
CA LEU B 90 -11.27 13.36 7.44
C LEU B 90 -11.07 13.68 5.96
N SER B 91 -11.20 12.67 5.09
CA SER B 91 -10.94 12.97 3.68
C SER B 91 -12.07 13.82 3.15
N VAL B 92 -13.28 13.58 3.65
CA VAL B 92 -14.40 14.42 3.26
C VAL B 92 -14.18 15.83 3.78
N SER B 93 -13.76 15.96 5.03
CA SER B 93 -13.68 17.32 5.51
C SER B 93 -12.51 18.06 4.88
N LEU B 94 -11.51 17.34 4.37
CA LEU B 94 -10.41 18.08 3.78
C LEU B 94 -10.85 18.82 2.54
N LEU B 95 -12.02 18.45 1.97
CA LEU B 95 -12.53 19.13 0.79
C LEU B 95 -12.76 20.61 1.06
N ARG B 96 -13.05 20.98 2.32
CA ARG B 96 -13.27 22.39 2.57
C ARG B 96 -11.99 23.19 2.52
N HIS B 97 -10.83 22.52 2.48
CA HIS B 97 -9.53 23.17 2.41
C HIS B 97 -8.90 23.07 1.03
N THR B 98 -9.71 22.90 -0.02
CA THR B 98 -9.15 22.73 -1.36
C THR B 98 -8.55 24.01 -1.92
N GLN B 99 -8.66 25.15 -1.24
CA GLN B 99 -7.86 26.30 -1.60
C GLN B 99 -6.38 26.08 -1.35
N LEU B 100 -6.00 25.06 -0.59
CA LEU B 100 -4.59 24.80 -0.29
C LEU B 100 -4.14 23.41 -0.70
N LEU B 101 -5.00 22.63 -1.36
CA LEU B 101 -4.73 21.26 -1.74
C LEU B 101 -4.98 21.09 -3.23
N PRO B 102 -4.23 20.20 -3.90
CA PRO B 102 -4.57 19.86 -5.28
C PRO B 102 -5.97 19.28 -5.31
N VAL B 103 -6.92 19.98 -5.94
CA VAL B 103 -8.31 19.65 -5.69
C VAL B 103 -8.73 18.34 -6.37
N ASP B 104 -8.04 17.93 -7.44
CA ASP B 104 -8.31 16.63 -8.03
C ASP B 104 -7.94 15.49 -7.07
N LYS B 105 -6.74 15.53 -6.49
CA LYS B 105 -6.37 14.54 -5.48
C LYS B 105 -7.38 14.50 -4.36
N ALA B 106 -7.79 15.68 -3.87
CA ALA B 106 -8.68 15.71 -2.71
C ALA B 106 -10.01 15.05 -3.01
N PHE B 107 -10.57 15.31 -4.19
CA PHE B 107 -11.85 14.70 -4.50
C PHE B 107 -11.68 13.21 -4.78
N TYR B 108 -10.58 12.83 -5.43
CA TYR B 108 -10.32 11.40 -5.60
C TYR B 108 -10.32 10.70 -4.24
N GLU B 109 -9.59 11.26 -3.28
CA GLU B 109 -9.41 10.59 -1.99
C GLU B 109 -10.72 10.51 -1.24
N ALA B 110 -11.44 11.63 -1.17
CA ALA B 110 -12.74 11.61 -0.52
C ALA B 110 -13.68 10.61 -1.20
N GLY B 111 -13.70 10.58 -2.54
CA GLY B 111 -14.62 9.70 -3.24
C GLY B 111 -14.32 8.23 -3.01
N ILE B 112 -13.04 7.86 -3.07
CA ILE B 112 -12.66 6.47 -2.83
C ILE B 112 -12.98 6.06 -1.40
N ALA B 113 -12.64 6.92 -0.42
CA ALA B 113 -12.93 6.56 0.97
C ALA B 113 -14.41 6.39 1.20
N ALA B 114 -15.21 7.31 0.65
CA ALA B 114 -16.67 7.20 0.76
C ALA B 114 -17.14 5.87 0.18
N LYS B 115 -16.69 5.56 -1.04
CA LYS B 115 -17.11 4.31 -1.68
C LYS B 115 -16.75 3.13 -0.79
N ALA B 116 -15.57 3.16 -0.18
CA ALA B 116 -15.14 2.04 0.63
C ALA B 116 -15.99 1.87 1.90
N VAL B 117 -16.54 2.95 2.44
CA VAL B 117 -17.41 2.75 3.61
C VAL B 117 -18.88 2.67 3.24
N GLY B 118 -19.20 2.52 1.96
CA GLY B 118 -20.59 2.38 1.56
C GLY B 118 -21.35 3.68 1.50
N TRP B 119 -20.64 4.81 1.40
CA TRP B 119 -21.26 6.12 1.24
C TRP B 119 -21.32 6.43 -0.25
N ASP B 120 -22.33 5.87 -0.91
CA ASP B 120 -22.30 5.79 -2.36
C ASP B 120 -22.70 7.09 -3.06
N ASN B 121 -23.65 7.84 -2.50
CA ASN B 121 -23.99 9.15 -3.08
C ASN B 121 -22.78 10.07 -3.06
N MET B 122 -22.17 10.21 -1.89
CA MET B 122 -20.96 10.99 -1.77
C MET B 122 -19.89 10.45 -2.71
N ALA B 123 -19.77 9.13 -2.79
CA ALA B 123 -18.76 8.54 -3.65
C ALA B 123 -18.96 8.99 -5.09
N PHE B 124 -20.20 8.91 -5.58
CA PHE B 124 -20.47 9.29 -6.96
C PHE B 124 -20.20 10.77 -7.18
N ILE B 125 -20.70 11.62 -6.29
CA ILE B 125 -20.54 13.07 -6.51
C ILE B 125 -19.06 13.45 -6.50
N PHE B 126 -18.32 12.96 -5.50
CA PHE B 126 -16.91 13.32 -5.41
C PHE B 126 -16.12 12.74 -6.58
N LEU B 127 -16.41 11.50 -7.01
CA LEU B 127 -15.64 10.90 -8.09
C LEU B 127 -16.01 11.49 -9.44
N ASN B 128 -17.27 11.90 -9.61
CA ASN B 128 -17.67 12.62 -10.81
C ASN B 128 -16.97 13.96 -10.87
N ARG B 129 -16.98 14.69 -9.75
CA ARG B 129 -16.25 15.94 -9.66
C ARG B 129 -14.77 15.72 -9.96
N PHE B 130 -14.20 14.63 -9.46
CA PHE B 130 -12.82 14.28 -9.78
C PHE B 130 -12.61 14.15 -11.28
N LEU B 131 -13.46 13.36 -11.95
CA LEU B 131 -13.29 13.18 -13.38
C LEU B 131 -13.36 14.52 -14.09
N ASP B 132 -14.33 15.34 -13.73
CA ASP B 132 -14.46 16.65 -14.36
C ASP B 132 -13.22 17.51 -14.11
N LEU B 133 -12.64 17.44 -12.91
CA LEU B 133 -11.48 18.26 -12.63
C LEU B 133 -10.28 17.75 -13.39
N THR B 134 -10.18 16.43 -13.56
CA THR B 134 -9.09 15.85 -14.35
C THR B 134 -9.14 16.33 -15.78
N ASP B 135 -10.33 16.36 -16.36
CA ASP B 135 -10.45 16.89 -17.72
C ASP B 135 -10.11 18.38 -17.76
N ALA B 136 -10.58 19.15 -16.78
CA ALA B 136 -10.32 20.59 -16.79
C ALA B 136 -8.85 20.91 -16.59
N ILE B 137 -8.11 20.05 -15.89
CA ILE B 137 -6.66 20.24 -15.75
C ILE B 137 -6.01 20.34 -17.11
N GLU B 138 -6.27 19.36 -17.97
CA GLU B 138 -5.77 19.40 -19.34
C GLU B 138 -6.29 20.63 -20.07
N GLU B 139 -7.60 20.88 -19.97
CA GLU B 139 -8.16 22.06 -20.63
C GLU B 139 -7.60 23.37 -20.08
N GLY B 140 -7.13 23.38 -18.83
CA GLY B 140 -6.51 24.58 -18.26
C GLY B 140 -7.48 25.61 -17.71
N THR B 141 -8.79 25.36 -17.72
CA THR B 141 -9.76 26.28 -17.15
C THR B 141 -10.81 25.51 -16.36
N LEU B 142 -11.47 26.22 -15.46
CA LEU B 142 -12.55 25.68 -14.64
C LEU B 142 -13.91 26.24 -15.05
N ASP B 143 -13.98 27.03 -16.13
CA ASP B 143 -15.22 27.69 -16.49
C ASP B 143 -16.21 26.78 -17.19
N GLY B 144 -15.82 25.56 -17.56
CA GLY B 144 -16.78 24.66 -18.15
C GLY B 144 -17.54 23.84 -17.14
N LEU B 145 -17.02 23.74 -15.92
CA LEU B 145 -17.52 22.79 -14.95
C LEU B 145 -18.75 23.33 -14.21
N ASP B 146 -19.66 22.41 -13.86
CA ASP B 146 -20.88 22.72 -13.13
C ASP B 146 -20.72 22.40 -11.64
N HIS B 147 -20.93 23.41 -10.80
CA HIS B 147 -20.75 23.33 -9.36
C HIS B 147 -22.06 23.15 -8.61
N SER B 148 -23.16 22.85 -9.32
CA SER B 148 -24.46 22.80 -8.67
C SER B 148 -24.48 21.83 -7.49
N ASP B 149 -23.71 20.75 -7.54
CA ASP B 149 -23.75 19.74 -6.49
C ASP B 149 -23.34 20.26 -5.13
N PHE B 150 -22.61 21.39 -5.06
CA PHE B 150 -22.06 21.88 -3.81
C PHE B 150 -22.56 23.29 -3.48
N GLN B 151 -23.81 23.61 -3.82
CA GLN B 151 -24.21 25.00 -3.84
C GLN B 151 -24.42 25.62 -2.46
N ASP B 152 -24.75 24.84 -1.44
CA ASP B 152 -24.92 25.39 -0.09
C ASP B 152 -23.94 24.75 0.89
N THR B 153 -22.73 24.49 0.42
CA THR B 153 -21.69 23.86 1.21
C THR B 153 -20.56 24.86 1.44
N ASP B 154 -19.69 24.55 2.40
CA ASP B 154 -18.46 25.30 2.57
C ASP B 154 -17.34 24.81 1.67
N ILE B 155 -17.69 24.02 0.63
CA ILE B 155 -16.72 23.58 -0.37
C ILE B 155 -16.54 24.71 -1.39
N PRO B 156 -15.32 25.19 -1.60
CA PRO B 156 -15.11 26.31 -2.54
C PRO B 156 -15.09 25.85 -3.99
N PHE B 157 -15.57 26.72 -4.87
CA PHE B 157 -15.58 26.40 -6.29
C PHE B 157 -14.38 26.97 -7.02
N GLU B 158 -14.07 28.24 -6.77
CA GLU B 158 -12.89 28.87 -7.35
C GLU B 158 -11.70 28.49 -6.50
N VAL B 159 -10.91 27.52 -6.97
CA VAL B 159 -9.68 27.10 -6.29
C VAL B 159 -8.60 26.94 -7.33
N PRO B 160 -7.34 26.94 -6.90
CA PRO B 160 -6.25 26.76 -7.88
C PRO B 160 -6.43 25.46 -8.66
N LEU B 161 -6.39 25.58 -9.98
CA LEU B 161 -6.48 24.41 -10.84
C LEU B 161 -5.09 23.82 -10.99
N PRO B 162 -4.89 22.55 -10.64
CA PRO B 162 -3.53 21.98 -10.69
C PRO B 162 -2.96 21.97 -12.10
N ALA B 163 -1.63 22.11 -12.18
CA ALA B 163 -0.96 22.07 -13.46
C ALA B 163 -0.83 20.65 -13.99
N LYS B 164 -0.77 19.65 -13.09
CA LYS B 164 -0.60 18.27 -13.49
C LYS B 164 -1.68 17.43 -12.82
N GLN B 165 -1.95 16.28 -13.42
CA GLN B 165 -2.93 15.36 -12.91
C GLN B 165 -2.31 14.51 -11.81
N HIS B 166 -2.92 14.51 -10.63
CA HIS B 166 -2.35 13.73 -9.55
C HIS B 166 -2.57 12.24 -9.78
N VAL B 167 -3.73 11.85 -10.30
CA VAL B 167 -4.05 10.43 -10.29
C VAL B 167 -3.58 9.78 -11.58
N PRO B 168 -2.91 8.62 -11.49
CA PRO B 168 -2.42 7.97 -12.70
C PRO B 168 -3.57 7.59 -13.62
N GLU B 169 -3.26 7.50 -14.92
CA GLU B 169 -4.29 7.36 -15.92
C GLU B 169 -5.10 6.08 -15.70
N ALA B 170 -4.43 5.01 -15.30
CA ALA B 170 -5.15 3.75 -15.11
C ALA B 170 -6.20 3.85 -14.01
N GLU B 171 -5.81 4.37 -12.84
CA GLU B 171 -6.76 4.50 -11.73
C GLU B 171 -7.87 5.48 -12.07
N ARG B 172 -7.52 6.56 -12.77
CA ARG B 172 -8.54 7.49 -13.24
C ARG B 172 -9.57 6.78 -14.10
N GLU B 173 -9.10 5.88 -14.98
CA GLU B 173 -10.01 5.17 -15.88
C GLU B 173 -10.84 4.14 -15.13
N GLU B 174 -10.32 3.58 -14.02
CA GLU B 174 -11.17 2.73 -13.19
C GLU B 174 -12.31 3.55 -12.57
N VAL B 175 -11.98 4.76 -12.11
CA VAL B 175 -13.03 5.64 -11.61
C VAL B 175 -14.02 6.00 -12.71
N ARG B 176 -13.49 6.26 -13.91
CA ARG B 176 -14.32 6.64 -15.05
C ARG B 176 -15.29 5.53 -15.43
N ASP B 177 -14.81 4.29 -15.48
CA ASP B 177 -15.68 3.14 -15.74
C ASP B 177 -16.80 3.09 -14.71
N TRP B 178 -16.44 3.14 -13.43
CA TRP B 178 -17.44 2.99 -12.37
C TRP B 178 -18.47 4.12 -12.41
N VAL B 179 -18.01 5.36 -12.56
CA VAL B 179 -18.90 6.51 -12.59
C VAL B 179 -19.88 6.41 -13.77
N LEU B 180 -19.39 5.99 -14.94
CA LEU B 180 -20.27 5.86 -16.10
C LEU B 180 -21.38 4.84 -15.82
N THR B 181 -20.98 3.66 -15.30
CA THR B 181 -21.96 2.62 -14.97
C THR B 181 -23.04 3.18 -14.04
N VAL B 182 -22.62 3.83 -12.95
CA VAL B 182 -23.61 4.28 -11.97
C VAL B 182 -24.51 5.36 -12.57
N SER B 183 -23.94 6.24 -13.41
CA SER B 183 -24.71 7.25 -14.14
C SER B 183 -25.93 6.63 -14.78
N MET B 184 -25.72 5.60 -15.59
CA MET B 184 -26.88 5.00 -16.27
C MET B 184 -27.67 4.05 -15.38
N ASP B 185 -27.17 3.70 -14.19
CA ASP B 185 -27.93 2.79 -13.35
C ASP B 185 -29.29 3.36 -12.96
N GLN B 186 -29.56 4.63 -13.24
CA GLN B 186 -30.88 5.26 -13.12
C GLN B 186 -31.61 4.82 -11.85
N ARG B 187 -30.84 4.53 -10.82
CA ARG B 187 -31.35 4.05 -9.55
C ARG B 187 -31.32 5.12 -8.47
N LEU B 188 -30.16 5.76 -8.28
CA LEU B 188 -29.96 6.69 -7.19
C LEU B 188 -30.00 8.13 -7.68
N GLU B 189 -30.45 9.01 -6.80
CA GLU B 189 -30.28 10.44 -6.96
C GLU B 189 -28.91 10.84 -6.47
N GLN B 190 -28.28 11.78 -7.15
CA GLN B 190 -26.92 12.21 -6.84
C GLN B 190 -27.02 13.52 -6.07
N VAL B 191 -27.27 13.38 -4.76
CA VAL B 191 -27.30 14.51 -3.82
C VAL B 191 -26.52 14.15 -2.56
N LEU B 192 -25.92 15.17 -1.94
CA LEU B 192 -25.16 15.03 -0.70
C LEU B 192 -26.07 14.92 0.52
N PRO B 193 -25.66 14.17 1.54
CA PRO B 193 -26.50 14.01 2.72
C PRO B 193 -26.60 15.31 3.49
N ARG B 194 -27.80 15.59 4.00
CA ARG B 194 -28.02 16.71 4.89
C ARG B 194 -28.25 16.19 6.30
N ASP B 195 -27.90 17.02 7.28
CA ASP B 195 -28.02 16.65 8.68
C ASP B 195 -29.27 17.32 9.26
N GLU B 196 -29.38 17.27 10.59
CA GLU B 196 -30.52 17.85 11.27
C GLU B 196 -30.62 19.36 11.08
N ARG B 197 -29.54 20.02 10.63
CA ARG B 197 -29.59 21.45 10.33
C ARG B 197 -30.15 21.77 8.97
N GLY B 198 -30.37 20.76 8.13
CA GLY B 198 -30.68 21.04 6.73
C GLY B 198 -29.49 21.51 5.91
N ALA B 199 -28.28 21.25 6.39
CA ALA B 199 -27.05 21.60 5.70
C ALA B 199 -26.31 20.32 5.30
N TYR B 200 -25.47 20.44 4.26
CA TYR B 200 -24.56 19.36 3.91
C TYR B 200 -23.78 18.93 5.15
N GLU B 201 -23.82 17.63 5.46
CA GLU B 201 -23.40 17.20 6.79
C GLU B 201 -21.94 17.50 7.08
N ALA B 202 -21.09 17.64 6.06
CA ALA B 202 -19.68 17.97 6.31
C ALA B 202 -19.42 19.46 6.36
N SER B 203 -20.43 20.29 6.17
CA SER B 203 -20.20 21.72 6.03
C SER B 203 -20.33 22.38 7.39
N LEU B 204 -19.37 23.23 7.73
CA LEU B 204 -19.37 23.92 9.01
C LEU B 204 -20.39 25.04 9.05
N VAL B 205 -20.70 25.65 7.92
CA VAL B 205 -21.69 26.72 7.87
C VAL B 205 -23.02 26.09 7.51
N ALA B 206 -24.00 26.26 8.39
CA ALA B 206 -25.36 25.83 8.09
C ALA B 206 -26.02 26.90 7.23
N ALA B 207 -26.33 26.55 5.98
CA ALA B 207 -26.90 27.51 5.05
C ALA B 207 -28.17 28.16 5.61
N SER B 208 -29.03 27.38 6.27
CA SER B 208 -30.25 27.93 6.86
C SER B 208 -29.92 29.01 7.88
N THR B 209 -29.40 28.63 9.05
CA THR B 209 -29.10 29.62 10.08
C THR B 209 -27.97 30.56 9.63
N GLY B 210 -26.77 30.03 9.45
CA GLY B 210 -25.64 30.87 9.11
C GLY B 210 -24.68 31.00 10.27
N VAL B 211 -24.66 30.01 11.15
CA VAL B 211 -23.69 29.91 12.23
C VAL B 211 -22.62 28.90 11.80
N ARG B 212 -21.35 29.28 11.97
CA ARG B 212 -20.24 28.39 11.66
C ARG B 212 -20.02 27.49 12.87
N ALA B 213 -20.33 26.20 12.72
CA ALA B 213 -20.05 25.26 13.78
C ALA B 213 -18.55 24.96 13.80
N LEU B 214 -18.06 24.58 14.98
CA LEU B 214 -16.66 24.21 15.11
C LEU B 214 -16.41 22.84 14.49
N PRO B 215 -15.24 22.64 13.89
CA PRO B 215 -14.92 21.32 13.34
C PRO B 215 -14.32 20.39 14.38
N CYS B 216 -14.79 19.14 14.44
CA CYS B 216 -14.25 18.20 15.40
C CYS B 216 -12.78 17.95 15.10
N LEU B 217 -11.95 17.97 16.14
CA LEU B 217 -10.53 17.73 15.95
C LEU B 217 -10.24 16.31 15.51
N ILE B 218 -11.21 15.41 15.62
CA ILE B 218 -11.00 14.00 15.31
C ILE B 218 -11.41 13.67 13.88
N THR B 219 -12.60 14.12 13.46
CA THR B 219 -13.14 13.77 12.14
C THR B 219 -13.25 14.95 11.17
N GLY B 220 -13.14 16.20 11.65
CA GLY B 220 -13.33 17.38 10.83
C GLY B 220 -14.76 17.86 10.68
N TYR B 221 -15.74 17.01 10.99
CA TYR B 221 -17.14 17.35 10.83
C TYR B 221 -17.56 18.46 11.80
N PRO B 222 -18.63 19.19 11.48
CA PRO B 222 -19.16 20.15 12.45
C PRO B 222 -19.61 19.44 13.74
N ILE B 223 -19.22 20.01 14.86
CA ILE B 223 -19.67 19.54 16.17
C ILE B 223 -21.10 20.04 16.37
N LEU B 224 -22.07 19.13 16.33
CA LEU B 224 -23.47 19.51 16.50
C LEU B 224 -24.01 19.20 17.90
N ARG B 225 -23.40 18.26 18.61
CA ARG B 225 -23.83 17.90 19.94
C ARG B 225 -22.63 17.29 20.66
N ASN B 226 -22.71 17.27 22.00
CA ASN B 226 -21.70 16.60 22.82
C ASN B 226 -20.32 17.23 22.63
N LYS B 227 -20.29 18.55 22.52
CA LYS B 227 -19.02 19.25 22.32
C LYS B 227 -18.17 19.12 23.57
N ILE B 228 -16.88 18.82 23.39
CA ILE B 228 -15.91 18.95 24.47
C ILE B 228 -14.83 19.91 24.03
N GLU B 229 -14.46 20.81 24.95
CA GLU B 229 -13.63 21.97 24.63
C GLU B 229 -12.27 21.85 25.31
N PHE B 230 -11.23 22.24 24.58
CA PHE B 230 -9.89 22.25 25.13
C PHE B 230 -9.55 23.64 25.68
N LYS B 231 -8.48 23.73 26.47
CA LYS B 231 -8.19 25.00 27.14
C LYS B 231 -7.86 26.09 26.13
N ARG B 232 -7.23 25.72 25.02
CA ARG B 232 -7.03 26.66 23.92
C ARG B 232 -8.37 27.03 23.28
N PRO B 233 -8.56 28.30 22.93
CA PRO B 233 -9.83 28.72 22.31
C PRO B 233 -10.00 28.20 20.90
N GLY B 234 -11.26 27.98 20.52
CA GLY B 234 -11.59 27.51 19.18
C GLY B 234 -11.24 26.05 18.92
N LYS B 235 -10.90 25.29 19.95
CA LYS B 235 -10.44 23.91 19.79
C LYS B 235 -11.43 23.01 20.49
N ALA B 236 -12.10 22.14 19.72
CA ALA B 236 -13.12 21.25 20.27
C ALA B 236 -13.16 19.94 19.52
N ALA B 237 -13.81 18.96 20.14
CA ALA B 237 -14.06 17.67 19.53
C ALA B 237 -15.47 17.24 19.89
N ASN B 238 -16.01 16.32 19.10
CA ASN B 238 -17.21 15.63 19.49
C ASN B 238 -16.82 14.51 20.44
N LYS B 239 -17.47 14.45 21.61
CA LYS B 239 -17.05 13.49 22.63
C LYS B 239 -17.11 12.05 22.15
N ASP B 240 -18.06 11.72 21.28
CA ASP B 240 -18.15 10.33 20.80
C ASP B 240 -16.97 9.99 19.91
N ASN B 241 -16.58 10.90 19.00
CA ASN B 241 -15.37 10.69 18.22
C ASN B 241 -14.14 10.57 19.11
N TRP B 242 -14.04 11.45 20.11
CA TRP B 242 -12.94 11.41 21.05
C TRP B 242 -12.87 10.04 21.74
N ASN B 243 -13.98 9.61 22.32
CA ASN B 243 -14.01 8.31 22.97
C ASN B 243 -13.65 7.19 22.00
N LYS B 244 -14.11 7.28 20.75
CA LYS B 244 -13.79 6.27 19.74
C LYS B 244 -12.28 6.17 19.53
N PHE B 245 -11.62 7.33 19.49
CA PHE B 245 -10.18 7.36 19.33
C PHE B 245 -9.47 6.79 20.56
N LEU B 246 -9.91 7.21 21.76
CA LEU B 246 -9.34 6.67 23.00
C LEU B 246 -9.53 5.17 23.10
N MET B 247 -10.69 4.67 22.64
CA MET B 247 -10.98 3.24 22.66
C MET B 247 -10.04 2.49 21.74
N ALA B 248 -9.78 3.07 20.56
CA ALA B 248 -8.85 2.40 19.66
C ALA B 248 -7.45 2.34 20.26
N ILE B 249 -7.08 3.39 21.00
CA ILE B 249 -5.77 3.38 21.66
C ILE B 249 -5.75 2.30 22.73
N LYS B 250 -6.78 2.28 23.58
CA LYS B 250 -6.85 1.31 24.68
C LYS B 250 -6.79 -0.12 24.17
N THR B 251 -7.55 -0.44 23.10
CA THR B 251 -7.63 -1.82 22.63
C THR B 251 -6.50 -2.23 21.70
N SER B 252 -5.85 -1.29 21.01
CA SER B 252 -4.81 -1.67 20.07
C SER B 252 -3.41 -1.26 20.50
N HIS B 253 -3.29 -0.35 21.46
CA HIS B 253 -2.01 0.26 21.84
C HIS B 253 -1.31 0.92 20.65
N SER B 254 -2.09 1.33 19.65
CA SER B 254 -1.59 2.07 18.48
C SER B 254 -0.65 3.21 18.88
N PRO B 255 0.66 3.08 18.65
CA PRO B 255 1.56 4.23 18.92
C PRO B 255 1.21 5.44 18.10
N VAL B 256 0.65 5.23 16.90
N VAL B 256 0.65 5.23 16.89
CA VAL B 256 0.38 6.36 16.03
CA VAL B 256 0.37 6.37 16.02
C VAL B 256 -0.81 7.18 16.56
C VAL B 256 -0.81 7.18 16.58
N CYS B 257 -1.87 6.50 17.03
CA CYS B 257 -2.96 7.23 17.67
C CYS B 257 -2.54 7.83 19.01
N GLN B 258 -1.61 7.18 19.72
CA GLN B 258 -1.09 7.76 20.95
C GLN B 258 -0.36 9.06 20.64
N ASP B 259 0.41 9.07 19.54
CA ASP B 259 1.08 10.29 19.10
C ASP B 259 0.07 11.37 18.73
N VAL B 260 -0.99 11.01 18.03
CA VAL B 260 -2.01 12.01 17.71
C VAL B 260 -2.51 12.63 19.00
N LEU B 261 -2.78 11.79 19.99
CA LEU B 261 -3.28 12.26 21.28
C LEU B 261 -2.29 13.22 21.95
N LYS B 262 -1.00 12.82 22.01
CA LYS B 262 0.03 13.69 22.56
C LYS B 262 0.04 15.02 21.85
N PHE B 263 -0.03 14.99 20.51
CA PHE B 263 0.00 16.24 19.77
C PHE B 263 -1.18 17.12 20.14
N ILE B 264 -2.38 16.54 20.18
CA ILE B 264 -3.55 17.35 20.50
C ILE B 264 -3.39 17.96 21.88
N SER B 265 -2.75 17.22 22.79
CA SER B 265 -2.54 17.74 24.14
C SER B 265 -1.63 18.96 24.13
N GLN B 266 -0.48 18.86 23.45
CA GLN B 266 0.41 20.04 23.36
C GLN B 266 -0.27 21.20 22.66
N TRP B 267 -0.98 20.92 21.58
CA TRP B 267 -1.50 21.96 20.71
C TRP B 267 -2.69 22.65 21.33
N CYS B 268 -3.55 21.90 22.00
CA CYS B 268 -4.82 22.41 22.46
C CYS B 268 -4.92 22.58 23.96
N GLY B 269 -3.88 22.23 24.71
CA GLY B 269 -3.75 22.66 26.09
C GLY B 269 -4.50 21.84 27.12
N GLY B 270 -4.54 20.52 26.97
CA GLY B 270 -5.10 19.67 28.00
C GLY B 270 -6.53 19.24 27.68
N LEU B 271 -6.89 18.04 28.15
CA LEU B 271 -8.19 17.41 27.86
C LEU B 271 -9.40 18.17 28.42
#